data_4JJ7
#
_entry.id   4JJ7
#
_cell.length_a   62.844
_cell.length_b   62.844
_cell.length_c   129.352
_cell.angle_alpha   90.00
_cell.angle_beta   90.00
_cell.angle_gamma   120.00
#
_symmetry.space_group_name_H-M   'P 31 2 1'
#
loop_
_entity.id
_entity.type
_entity.pdbx_description
1 polymer Caspase-8
2 polymer 'Caspase inhibitor'
3 non-polymer 'DITHIANE DIOL'
4 water water
#
loop_
_entity_poly.entity_id
_entity_poly.type
_entity_poly.pdbx_seq_one_letter_code
_entity_poly.pdbx_strand_id
1 'polypeptide(L)'
;MSESQTLDKVYQMKSKPRGYCLIINNHNFAKAREKVPKLHSIRDRNGTHLDAGALTTTFEELHFEIKPHDDCTVEQIYEI
LKIYQLMDHSNMDCFICCILSHGDKGIIYGTDGQEAPIYELTSQFTGLKCPSLAGKPKVFFIQACQGDNYQKGIPVETDS
EEQPYLEMDLSSPQTRYIPDEADFLLGMATVNNCVSYRNPAEGTWYIQSLCQSLRERCPRGDDILTILTEVNYEVSNKDD
KKNMGKQMPQPTFTLRKKLVFPSDAAALEHHHHHH
;
A
2 'polypeptide(L)' (ACE)(1MH)D(B3L)(HLX)(1U8) B
#
# COMPACT_ATOMS: atom_id res chain seq x y z
N ASP A 8 -20.55 -0.93 -17.63
CA ASP A 8 -20.11 -0.80 -16.24
C ASP A 8 -19.68 0.63 -15.93
N LYS A 9 -20.11 1.15 -14.78
CA LYS A 9 -19.65 2.46 -14.34
C LYS A 9 -18.18 2.41 -13.97
N VAL A 10 -17.46 3.46 -14.33
CA VAL A 10 -16.00 3.55 -14.16
C VAL A 10 -15.65 4.90 -13.56
N TYR A 11 -14.74 4.96 -12.61
CA TYR A 11 -14.34 6.25 -12.07
C TYR A 11 -13.69 7.10 -13.16
N GLN A 12 -14.03 8.39 -13.19
CA GLN A 12 -13.31 9.33 -14.05
C GLN A 12 -11.82 9.28 -13.75
N MET A 13 -10.98 9.22 -14.78
CA MET A 13 -9.54 9.11 -14.60
C MET A 13 -8.87 9.75 -15.80
N LYS A 14 -8.98 11.07 -15.87
CA LYS A 14 -8.51 11.82 -17.02
C LYS A 14 -7.65 13.01 -16.68
N SER A 15 -7.61 13.43 -15.41
CA SER A 15 -6.83 14.61 -15.08
C SER A 15 -5.34 14.32 -15.27
N LYS A 16 -4.58 15.36 -15.53
CA LYS A 16 -3.13 15.27 -15.68
C LYS A 16 -2.48 16.36 -14.84
N PRO A 17 -1.93 16.01 -13.67
CA PRO A 17 -1.74 14.66 -13.13
C PRO A 17 -3.04 14.07 -12.65
N ARG A 18 -3.05 12.75 -12.51
CA ARG A 18 -4.21 12.04 -12.01
C ARG A 18 -4.50 12.39 -10.56
N GLY A 19 -3.44 12.67 -9.81
CA GLY A 19 -3.53 12.85 -8.38
C GLY A 19 -2.12 12.73 -7.82
N TYR A 20 -2.05 12.85 -6.49
CA TYR A 20 -0.82 12.56 -5.76
C TYR A 20 -0.72 11.08 -5.45
N CYS A 21 0.54 10.60 -5.44
CA CYS A 21 0.88 9.27 -4.96
C CYS A 21 1.92 9.48 -3.87
N LEU A 22 1.50 9.38 -2.62
CA LEU A 22 2.42 9.50 -1.51
C LEU A 22 3.18 8.20 -1.33
N ILE A 23 4.48 8.29 -1.01
CA ILE A 23 5.20 7.08 -0.65
C ILE A 23 5.88 7.35 0.68
N ILE A 24 5.49 6.63 1.72
CA ILE A 24 6.14 6.72 3.02
C ILE A 24 7.07 5.51 3.09
N ASN A 25 8.38 5.78 3.09
CA ASN A 25 9.39 4.74 2.86
C ASN A 25 10.28 4.66 4.11
N ASN A 26 9.99 3.71 4.98
CA ASN A 26 10.72 3.61 6.24
C ASN A 26 11.84 2.59 6.16
N HIS A 27 13.06 3.07 6.35
CA HIS A 27 14.26 2.26 6.29
C HIS A 27 14.95 2.09 7.65
N ASN A 28 15.21 3.21 8.32
CA ASN A 28 16.10 3.24 9.48
C ASN A 28 15.34 3.12 10.77
N PHE A 29 15.46 1.97 11.45
CA PHE A 29 14.74 1.70 12.68
C PHE A 29 15.65 1.79 13.91
N ALA A 30 16.73 2.56 13.83
CA ALA A 30 17.59 2.75 15.00
C ALA A 30 16.82 3.33 16.18
N LYS A 31 15.89 4.25 15.95
CA LYS A 31 15.15 4.83 17.06
C LYS A 31 14.30 3.77 17.76
N ALA A 32 13.60 2.96 16.98
CA ALA A 32 12.79 1.86 17.54
C ALA A 32 13.67 0.93 18.39
N ARG A 33 14.84 0.56 17.87
CA ARG A 33 15.73 -0.33 18.58
C ARG A 33 16.20 0.25 19.90
N GLU A 34 16.41 1.56 19.93
CA GLU A 34 16.82 2.26 21.16
C GLU A 34 15.70 2.43 22.16
N LYS A 35 14.50 2.73 21.66
CA LYS A 35 13.42 3.24 22.50
C LYS A 35 12.35 2.26 22.92
N VAL A 36 12.12 1.21 22.15
CA VAL A 36 11.03 0.30 22.41
C VAL A 36 11.59 -1.07 22.78
N PRO A 37 11.52 -1.42 24.07
CA PRO A 37 12.17 -2.65 24.54
C PRO A 37 11.91 -3.87 23.66
N LYS A 38 10.67 -4.12 23.25
CA LYS A 38 10.40 -5.34 22.51
C LYS A 38 10.96 -5.30 21.07
N LEU A 39 11.33 -4.13 20.58
CA LEU A 39 11.85 -3.97 19.22
C LEU A 39 13.37 -3.81 19.23
N HIS A 40 14.02 -4.31 20.28
CA HIS A 40 15.47 -4.19 20.40
C HIS A 40 16.23 -4.70 19.17
N SER A 41 15.66 -5.69 18.48
CA SER A 41 16.35 -6.24 17.32
C SER A 41 15.65 -6.04 16.01
N ILE A 42 14.68 -5.11 15.95
CA ILE A 42 14.02 -4.85 14.67
C ILE A 42 15.04 -4.31 13.66
N ARG A 43 15.03 -4.84 12.42
CA ARG A 43 16.10 -4.55 11.49
C ARG A 43 15.81 -3.33 10.64
N ASP A 44 16.86 -2.68 10.16
CA ASP A 44 16.67 -1.71 9.08
C ASP A 44 16.13 -2.42 7.84
N ARG A 45 15.28 -1.74 7.09
CA ARG A 45 14.59 -2.39 5.98
C ARG A 45 15.38 -2.27 4.67
N ASN A 46 16.57 -2.89 4.68
CA ASN A 46 17.47 -2.78 3.56
C ASN A 46 16.75 -3.21 2.27
N GLY A 47 16.97 -2.42 1.23
CA GLY A 47 16.37 -2.69 -0.05
C GLY A 47 15.04 -1.97 -0.29
N THR A 48 14.49 -1.32 0.74
CA THR A 48 13.17 -0.68 0.58
C THR A 48 13.20 0.39 -0.52
N HIS A 49 14.34 1.03 -0.77
CA HIS A 49 14.42 1.98 -1.85
C HIS A 49 14.07 1.38 -3.20
N LEU A 50 14.31 0.07 -3.37
CA LEU A 50 13.97 -0.56 -4.64
C LEU A 50 12.46 -0.56 -4.87
N ASP A 51 11.70 -0.70 -3.80
CA ASP A 51 10.23 -0.60 -3.85
C ASP A 51 9.81 0.84 -4.12
N ALA A 52 10.41 1.80 -3.41
CA ALA A 52 10.03 3.19 -3.63
C ALA A 52 10.31 3.59 -5.06
N GLY A 53 11.43 3.12 -5.62
CA GLY A 53 11.72 3.41 -7.00
C GLY A 53 10.77 2.77 -7.98
N ALA A 54 10.40 1.50 -7.74
CA ALA A 54 9.45 0.81 -8.61
C ALA A 54 8.11 1.53 -8.60
N LEU A 55 7.65 1.90 -7.41
CA LEU A 55 6.37 2.63 -7.30
C LEU A 55 6.46 3.96 -8.00
N THR A 56 7.58 4.65 -7.92
CA THR A 56 7.74 5.93 -8.56
C THR A 56 7.66 5.77 -10.08
N THR A 57 8.42 4.83 -10.64
CA THR A 57 8.37 4.55 -12.09
C THR A 57 6.97 4.24 -12.53
N THR A 58 6.34 3.33 -11.80
CA THR A 58 5.04 2.82 -12.18
C THR A 58 4.00 3.92 -12.16
N PHE A 59 3.90 4.63 -11.04
CA PHE A 59 2.85 5.63 -10.93
C PHE A 59 3.14 6.91 -11.71
N GLU A 60 4.42 7.23 -11.96
CA GLU A 60 4.67 8.31 -12.92
C GLU A 60 4.24 7.97 -14.31
N GLU A 61 4.43 6.73 -14.73
CA GLU A 61 3.97 6.30 -16.05
C GLU A 61 2.46 6.38 -16.16
N LEU A 62 1.79 6.21 -15.02
CA LEU A 62 0.33 6.31 -14.92
C LEU A 62 -0.14 7.73 -14.61
N HIS A 63 0.76 8.71 -14.69
CA HIS A 63 0.40 10.15 -14.65
C HIS A 63 0.11 10.68 -13.26
N PHE A 64 0.63 10.04 -12.21
CA PHE A 64 0.51 10.57 -10.87
C PHE A 64 1.73 11.42 -10.53
N GLU A 65 1.57 12.33 -9.58
CA GLU A 65 2.63 13.17 -9.06
C GLU A 65 3.12 12.53 -7.75
N ILE A 66 4.38 12.07 -7.77
CA ILE A 66 4.87 11.29 -6.66
C ILE A 66 5.39 12.16 -5.55
N LYS A 67 5.07 11.85 -4.31
CA LYS A 67 5.49 12.62 -3.16
C LYS A 67 6.12 11.68 -2.14
N PRO A 68 7.44 11.52 -2.22
CA PRO A 68 8.13 10.58 -1.32
C PRO A 68 8.49 11.22 0.01
N HIS A 69 8.46 10.42 1.07
CA HIS A 69 8.87 10.82 2.40
C HIS A 69 9.56 9.64 2.99
N ASP A 70 10.82 9.83 3.36
CA ASP A 70 11.65 8.76 3.89
C ASP A 70 11.79 8.83 5.41
N ASP A 71 11.80 7.66 6.06
CA ASP A 71 12.18 7.54 7.47
C ASP A 71 11.32 8.40 8.39
N CYS A 72 10.05 8.03 8.49
CA CYS A 72 9.06 8.76 9.24
C CYS A 72 8.66 8.07 10.53
N THR A 73 8.67 8.83 11.60
CA THR A 73 8.05 8.38 12.85
C THR A 73 6.52 8.42 12.71
N VAL A 74 5.80 7.84 13.68
CA VAL A 74 4.34 7.89 13.62
C VAL A 74 3.84 9.34 13.59
N GLU A 75 4.36 10.20 14.46
CA GLU A 75 3.90 11.56 14.47
C GLU A 75 4.17 12.25 13.12
N GLN A 76 5.33 11.95 12.52
CA GLN A 76 5.64 12.52 11.20
C GLN A 76 4.68 12.01 10.16
N ILE A 77 4.33 10.73 10.20
CA ILE A 77 3.36 10.19 9.24
C ILE A 77 2.02 10.95 9.37
N TYR A 78 1.53 11.11 10.60
CA TYR A 78 0.27 11.80 10.74
C TYR A 78 0.37 13.25 10.25
N GLU A 79 1.51 13.89 10.46
CA GLU A 79 1.65 15.24 9.94
C GLU A 79 1.56 15.25 8.41
N ILE A 80 2.24 14.33 7.74
CA ILE A 80 2.18 14.25 6.29
C ILE A 80 0.76 13.99 5.81
N LEU A 81 0.10 13.04 6.44
CA LEU A 81 -1.27 12.75 6.00
C LEU A 81 -2.19 13.94 6.20
N LYS A 82 -2.00 14.71 7.29
CA LYS A 82 -2.81 15.91 7.47
C LYS A 82 -2.56 16.94 6.36
N ILE A 83 -1.33 17.10 5.95
CA ILE A 83 -1.00 17.99 4.85
C ILE A 83 -1.80 17.61 3.62
N TYR A 84 -1.85 16.32 3.32
CA TYR A 84 -2.59 15.89 2.14
C TYR A 84 -4.08 15.87 2.33
N GLN A 85 -4.56 15.61 3.55
CA GLN A 85 -5.98 15.73 3.82
C GLN A 85 -6.46 17.14 3.53
N LEU A 86 -5.64 18.13 3.88
CA LEU A 86 -6.01 19.54 3.77
C LEU A 86 -5.72 20.11 2.37
N MET A 87 -5.03 19.39 1.53
CA MET A 87 -4.76 19.84 0.17
C MET A 87 -6.03 19.88 -0.67
N ASP A 88 -6.01 20.72 -1.67
CA ASP A 88 -7.12 20.79 -2.59
C ASP A 88 -6.93 19.75 -3.67
N HIS A 89 -7.74 18.69 -3.65
CA HIS A 89 -7.71 17.66 -4.66
C HIS A 89 -8.78 17.89 -5.74
N SER A 90 -9.35 19.10 -5.81
CA SER A 90 -10.49 19.27 -6.73
C SER A 90 -10.14 18.98 -8.17
N ASN A 91 -8.90 19.26 -8.57
CA ASN A 91 -8.45 19.06 -9.95
C ASN A 91 -7.85 17.69 -10.17
N MET A 92 -7.91 16.83 -9.16
CA MET A 92 -7.37 15.47 -9.25
C MET A 92 -8.53 14.48 -9.38
N ASP A 93 -8.26 13.32 -9.95
CA ASP A 93 -9.23 12.25 -10.04
C ASP A 93 -9.04 11.11 -9.04
N CYS A 94 -7.90 11.08 -8.35
CA CYS A 94 -7.56 9.91 -7.53
C CYS A 94 -6.53 10.33 -6.51
N PHE A 95 -6.38 9.54 -5.45
CA PHE A 95 -5.30 9.73 -4.48
C PHE A 95 -4.75 8.36 -4.16
N ILE A 96 -3.41 8.25 -4.08
CA ILE A 96 -2.76 6.99 -3.70
C ILE A 96 -1.81 7.26 -2.55
N CYS A 97 -1.77 6.33 -1.60
CA CYS A 97 -0.81 6.40 -0.51
C CYS A 97 -0.19 5.02 -0.30
N CYS A 98 1.13 4.95 -0.42
CA CYS A 98 1.90 3.72 -0.24
C CYS A 98 2.70 3.81 1.03
N ILE A 99 2.60 2.77 1.88
CA ILE A 99 3.35 2.73 3.13
C ILE A 99 4.27 1.51 3.08
N LEU A 100 5.55 1.73 3.27
CA LEU A 100 6.58 0.68 3.26
C LEU A 100 7.21 0.69 4.64
N SER A 101 6.91 -0.31 5.47
CA SER A 101 7.45 -0.28 6.86
C SER A 101 7.39 -1.67 7.47
N HIS A 102 7.86 -1.77 8.71
CA HIS A 102 7.53 -2.92 9.52
C HIS A 102 6.09 -2.78 10.02
N GLY A 103 5.46 -3.88 10.44
CA GLY A 103 4.15 -3.79 11.04
C GLY A 103 3.83 -5.00 11.88
N ASP A 104 2.61 -5.01 12.41
CA ASP A 104 2.11 -6.09 13.23
C ASP A 104 0.59 -6.07 13.02
N LYS A 105 -0.17 -6.88 13.74
CA LYS A 105 -1.57 -7.03 13.43
C LYS A 105 -2.31 -5.68 13.45
N GLY A 106 -2.83 -5.26 12.31
CA GLY A 106 -3.63 -4.05 12.20
C GLY A 106 -2.85 -2.75 12.22
N ILE A 107 -1.52 -2.79 12.30
CA ILE A 107 -0.71 -1.58 12.46
C ILE A 107 0.49 -1.56 11.54
N ILE A 108 1.02 -0.37 11.36
CA ILE A 108 2.38 -0.20 10.84
C ILE A 108 3.22 0.55 11.89
N TYR A 109 4.54 0.33 11.87
CA TYR A 109 5.42 1.02 12.78
C TYR A 109 6.02 2.27 12.15
N GLY A 110 6.10 3.33 12.92
CA GLY A 110 7.01 4.41 12.58
C GLY A 110 8.46 3.97 12.82
N THR A 111 9.42 4.75 12.33
CA THR A 111 10.82 4.45 12.57
C THR A 111 11.19 4.53 14.03
N ASP A 112 10.38 5.21 14.85
CA ASP A 112 10.54 5.28 16.29
C ASP A 112 9.95 4.08 17.01
N GLY A 113 9.29 3.16 16.29
CA GLY A 113 8.71 2.01 16.92
C GLY A 113 7.37 2.24 17.54
N GLN A 114 6.81 3.42 17.38
CA GLN A 114 5.42 3.62 17.76
C GLN A 114 4.53 2.98 16.70
N GLU A 115 3.28 2.73 17.07
CA GLU A 115 2.32 2.06 16.22
C GLU A 115 1.31 3.01 15.63
N ALA A 116 1.00 2.86 14.35
CA ALA A 116 -0.09 3.58 13.70
C ALA A 116 -1.09 2.53 13.22
N PRO A 117 -2.30 2.50 13.80
CA PRO A 117 -3.31 1.59 13.25
C PRO A 117 -3.60 1.98 11.80
N ILE A 118 -3.74 0.97 10.94
CA ILE A 118 -4.01 1.24 9.55
C ILE A 118 -5.31 2.05 9.39
N TYR A 119 -6.33 1.79 10.20
CA TYR A 119 -7.55 2.60 10.17
C TYR A 119 -7.27 4.07 10.38
N GLU A 120 -6.32 4.43 11.23
CA GLU A 120 -6.00 5.83 11.48
C GLU A 120 -5.41 6.49 10.27
N LEU A 121 -4.78 5.71 9.43
CA LEU A 121 -4.20 6.24 8.22
C LEU A 121 -5.29 6.49 7.19
N THR A 122 -6.07 5.46 6.90
CA THR A 122 -7.04 5.61 5.84
C THR A 122 -8.16 6.57 6.22
N SER A 123 -8.51 6.62 7.51
CA SER A 123 -9.65 7.42 7.92
C SER A 123 -9.39 8.92 7.80
N GLN A 124 -8.15 9.33 7.58
CA GLN A 124 -7.89 10.74 7.35
C GLN A 124 -8.42 11.22 6.01
N PHE A 125 -8.84 10.31 5.13
CA PHE A 125 -9.25 10.69 3.78
C PHE A 125 -10.70 10.35 3.48
N THR A 126 -11.49 10.16 4.54
CA THR A 126 -12.95 9.98 4.31
C THR A 126 -13.53 11.21 3.64
N GLY A 127 -14.74 11.08 3.12
CA GLY A 127 -15.33 12.20 2.44
C GLY A 127 -15.54 13.40 3.32
N LEU A 128 -15.82 13.21 4.61
CA LEU A 128 -16.02 14.35 5.48
C LEU A 128 -14.70 15.07 5.76
N LYS A 129 -13.62 14.31 5.94
CA LYS A 129 -12.33 14.92 6.23
C LYS A 129 -11.65 15.52 5.00
N CYS A 130 -11.94 14.96 3.82
CA CYS A 130 -11.32 15.42 2.59
C CYS A 130 -12.38 15.50 1.49
N PRO A 131 -13.24 16.54 1.55
CA PRO A 131 -14.35 16.63 0.60
C PRO A 131 -13.90 16.74 -0.84
N SER A 132 -12.70 17.27 -1.10
CA SER A 132 -12.25 17.41 -2.49
C SER A 132 -11.86 16.06 -3.10
N LEU A 133 -11.85 14.99 -2.30
CA LEU A 133 -11.75 13.61 -2.81
C LEU A 133 -13.08 12.87 -2.73
N ALA A 134 -14.16 13.53 -2.33
CA ALA A 134 -15.43 12.82 -2.23
C ALA A 134 -15.85 12.26 -3.57
N GLY A 135 -16.24 10.98 -3.60
CA GLY A 135 -16.62 10.34 -4.82
C GLY A 135 -15.44 9.85 -5.67
N LYS A 136 -14.23 10.10 -5.23
CA LYS A 136 -13.03 9.76 -5.98
C LYS A 136 -12.31 8.62 -5.28
N PRO A 137 -11.67 7.73 -6.05
CA PRO A 137 -10.97 6.60 -5.47
C PRO A 137 -9.77 7.05 -4.64
N LYS A 138 -9.67 6.41 -3.47
CA LYS A 138 -8.57 6.57 -2.54
C LYS A 138 -7.96 5.21 -2.33
N VAL A 139 -6.69 5.08 -2.73
CA VAL A 139 -6.03 3.79 -2.83
C VAL A 139 -4.84 3.75 -1.89
N PHE A 140 -4.80 2.77 -0.99
CA PHE A 140 -3.71 2.60 -0.06
C PHE A 140 -3.07 1.26 -0.30
N PHE A 141 -1.73 1.24 -0.41
CA PHE A 141 -0.97 0.00 -0.49
C PHE A 141 -0.07 -0.08 0.73
N ILE A 142 -0.21 -1.17 1.48
CA ILE A 142 0.54 -1.34 2.71
C ILE A 142 1.44 -2.56 2.61
N GLN A 143 2.74 -2.28 2.58
CA GLN A 143 3.77 -3.30 2.61
C GLN A 143 4.36 -3.34 4.03
N ALA A 144 3.95 -4.34 4.79
CA ALA A 144 4.38 -4.54 6.17
C ALA A 144 3.96 -5.96 6.54
N CYS A 145 4.62 -6.55 7.55
CA CYS A 145 4.03 -7.72 8.19
C CYS A 145 2.75 -7.31 8.92
N GLN A 146 1.87 -8.27 9.18
CA GLN A 146 0.68 -8.07 10.01
C GLN A 146 0.67 -9.06 11.16
N GLY A 147 1.86 -9.45 11.62
CA GLY A 147 2.03 -10.39 12.72
C GLY A 147 3.31 -11.16 12.45
N ASP A 148 3.58 -12.18 13.25
CA ASP A 148 4.82 -12.90 13.17
C ASP A 148 4.64 -14.35 12.73
N ASN A 149 3.44 -14.74 12.32
CA ASN A 149 3.27 -16.13 11.88
C ASN A 149 3.67 -16.33 10.46
N TYR A 150 4.25 -17.50 10.19
CA TYR A 150 4.47 -17.89 8.79
C TYR A 150 3.14 -18.36 8.23
N GLN A 151 2.79 -17.95 7.03
CA GLN A 151 1.63 -18.51 6.30
C GLN A 151 2.07 -19.87 5.76
N LYS A 152 1.35 -20.93 6.12
CA LYS A 152 1.69 -22.25 5.64
C LYS A 152 1.24 -22.44 4.21
N GLY A 153 1.87 -23.42 3.52
CA GLY A 153 1.46 -23.82 2.21
C GLY A 153 0.58 -25.03 2.17
N ILE A 154 -0.15 -25.15 1.07
CA ILE A 154 -1.04 -26.30 0.82
C ILE A 154 -0.81 -26.76 -0.60
N PRO A 155 -0.81 -28.10 -0.81
CA PRO A 155 -0.52 -28.62 -2.15
C PRO A 155 -1.75 -28.56 -3.04
N VAL A 156 -1.55 -28.12 -4.27
CA VAL A 156 -2.62 -28.13 -5.28
C VAL A 156 -2.05 -28.60 -6.59
N GLU A 157 -2.94 -28.95 -7.51
CA GLU A 157 -2.52 -29.33 -8.88
C GLU A 157 -2.01 -28.10 -9.65
N THR A 158 -1.12 -28.37 -10.59
CA THR A 158 -0.53 -27.33 -11.41
C THR A 158 -1.51 -26.86 -12.48
N ASP A 159 -1.66 -25.53 -12.63
CA ASP A 159 -2.54 -24.98 -13.67
C ASP A 159 -1.97 -25.32 -15.06
N THR A 175 -29.32 17.44 -3.60
CA THR A 175 -28.13 16.62 -3.96
C THR A 175 -28.17 15.18 -3.42
N ARG A 176 -27.26 14.31 -3.93
CA ARG A 176 -27.16 12.92 -3.47
C ARG A 176 -26.04 12.70 -2.51
N TYR A 177 -26.23 11.69 -1.67
CA TYR A 177 -25.26 11.36 -0.63
C TYR A 177 -24.83 9.92 -0.76
N ILE A 178 -23.55 9.69 -0.46
CA ILE A 178 -22.97 8.35 -0.41
C ILE A 178 -22.28 8.20 0.95
N PRO A 179 -21.84 6.98 1.33
CA PRO A 179 -21.19 6.84 2.63
C PRO A 179 -19.85 7.55 2.72
N ASP A 180 -19.57 8.06 3.92
CA ASP A 180 -18.30 8.68 4.29
C ASP A 180 -17.10 7.82 3.87
N GLU A 181 -17.20 6.50 4.01
CA GLU A 181 -16.11 5.56 3.74
C GLU A 181 -16.19 4.91 2.38
N ALA A 182 -16.94 5.49 1.44
CA ALA A 182 -17.00 4.98 0.08
C ALA A 182 -15.69 5.19 -0.67
N ASP A 183 -15.50 4.40 -1.72
CA ASP A 183 -14.47 4.66 -2.73
C ASP A 183 -13.04 4.45 -2.23
N PHE A 184 -12.86 3.54 -1.28
CA PHE A 184 -11.53 3.15 -0.87
C PHE A 184 -11.13 1.80 -1.45
N LEU A 185 -9.81 1.67 -1.69
CA LEU A 185 -9.19 0.37 -1.99
C LEU A 185 -7.97 0.27 -1.07
N LEU A 186 -7.90 -0.80 -0.31
CA LEU A 186 -6.77 -1.07 0.56
C LEU A 186 -6.13 -2.37 0.10
N GLY A 187 -4.90 -2.26 -0.39
CA GLY A 187 -4.14 -3.40 -0.83
C GLY A 187 -3.16 -3.77 0.24
N MET A 188 -3.41 -4.86 0.98
CA MET A 188 -2.49 -5.34 2.01
C MET A 188 -1.55 -6.36 1.42
N ALA A 189 -0.27 -6.32 1.81
CA ALA A 189 0.71 -7.30 1.36
C ALA A 189 0.41 -8.69 1.92
N THR A 190 -0.30 -8.79 3.05
CA THR A 190 -0.57 -10.05 3.71
C THR A 190 -1.89 -9.99 4.43
N VAL A 191 -2.54 -11.14 4.54
CA VAL A 191 -3.58 -11.40 5.50
C VAL A 191 -3.08 -11.11 6.90
N ASN A 192 -4.03 -10.86 7.80
CA ASN A 192 -3.66 -10.61 9.18
CA ASN A 192 -3.73 -10.69 9.21
C ASN A 192 -2.93 -11.81 9.80
N ASN A 193 -2.12 -11.47 10.81
CA ASN A 193 -1.37 -12.41 11.66
C ASN A 193 -0.06 -12.84 11.07
N CYS A 194 0.20 -12.56 9.77
CA CYS A 194 1.30 -13.21 9.07
C CYS A 194 2.31 -12.22 8.54
N VAL A 195 3.47 -12.78 8.19
CA VAL A 195 4.60 -11.99 7.71
C VAL A 195 4.46 -11.62 6.25
N SER A 196 5.23 -10.63 5.83
CA SER A 196 5.42 -10.39 4.42
C SER A 196 6.91 -10.20 4.16
N TYR A 197 7.32 -10.55 2.95
CA TYR A 197 8.74 -10.71 2.64
C TYR A 197 9.33 -9.54 1.90
N ARG A 198 10.60 -9.27 2.24
CA ARG A 198 11.41 -8.23 1.62
C ARG A 198 12.74 -8.88 1.25
N ASN A 199 13.07 -8.93 -0.03
CA ASN A 199 14.40 -9.36 -0.46
C ASN A 199 15.25 -8.11 -0.56
N PRO A 200 16.30 -7.99 0.28
CA PRO A 200 17.09 -6.73 0.29
C PRO A 200 17.72 -6.40 -1.07
N ALA A 201 17.87 -7.41 -1.92
CA ALA A 201 18.49 -7.20 -3.23
C ALA A 201 17.50 -7.01 -4.38
N GLU A 202 16.20 -7.09 -4.09
CA GLU A 202 15.20 -7.01 -5.14
C GLU A 202 13.99 -6.13 -4.80
N GLY A 203 13.66 -5.99 -3.50
CA GLY A 203 12.41 -5.37 -3.12
C GLY A 203 11.47 -6.38 -2.51
N THR A 204 10.25 -5.95 -2.18
CA THR A 204 9.32 -6.85 -1.51
C THR A 204 8.55 -7.70 -2.50
N TRP A 205 8.12 -8.88 -2.03
CA TRP A 205 7.32 -9.74 -2.92
C TRP A 205 6.12 -8.97 -3.43
N TYR A 206 5.41 -8.30 -2.52
CA TYR A 206 4.17 -7.66 -2.87
C TYR A 206 4.37 -6.44 -3.77
N ILE A 207 5.23 -5.50 -3.38
CA ILE A 207 5.34 -4.29 -4.16
C ILE A 207 5.92 -4.58 -5.55
N GLN A 208 6.90 -5.49 -5.61
CA GLN A 208 7.47 -5.77 -6.92
C GLN A 208 6.44 -6.43 -7.84
N SER A 209 5.64 -7.35 -7.30
CA SER A 209 4.59 -7.97 -8.11
C SER A 209 3.54 -6.95 -8.52
N LEU A 210 3.13 -6.10 -7.57
CA LEU A 210 2.12 -5.07 -7.84
C LEU A 210 2.58 -4.19 -9.01
N CYS A 211 3.82 -3.71 -8.94
CA CYS A 211 4.31 -2.81 -9.97
C CYS A 211 4.39 -3.49 -11.32
N GLN A 212 4.92 -4.73 -11.32
CA GLN A 212 4.98 -5.46 -12.58
C GLN A 212 3.60 -5.62 -13.21
N SER A 213 2.63 -6.00 -12.38
CA SER A 213 1.29 -6.21 -12.90
C SER A 213 0.64 -4.92 -13.39
N LEU A 214 0.80 -3.83 -12.64
CA LEU A 214 0.25 -2.55 -13.08
C LEU A 214 0.87 -2.14 -14.39
N ARG A 215 2.19 -2.25 -14.51
CA ARG A 215 2.84 -1.77 -15.72
C ARG A 215 2.42 -2.56 -16.93
N GLU A 216 2.21 -3.87 -16.77
CA GLU A 216 1.81 -4.74 -17.88
C GLU A 216 0.34 -4.58 -18.21
N ARG A 217 -0.53 -4.41 -17.21
CA ARG A 217 -1.96 -4.54 -17.43
C ARG A 217 -2.74 -3.24 -17.51
N CYS A 218 -2.25 -2.16 -16.91
CA CYS A 218 -2.99 -0.92 -17.04
C CYS A 218 -3.07 -0.48 -18.52
N PRO A 219 -1.99 -0.67 -19.36
CA PRO A 219 -2.13 -0.32 -20.79
C PRO A 219 -3.18 -1.16 -21.54
N ARG A 220 -3.48 -2.35 -21.04
CA ARG A 220 -4.54 -3.19 -21.60
C ARG A 220 -5.94 -2.77 -21.19
N GLY A 221 -6.05 -1.87 -20.21
CA GLY A 221 -7.35 -1.42 -19.75
C GLY A 221 -7.91 -2.23 -18.60
N ASP A 222 -7.11 -3.11 -18.02
CA ASP A 222 -7.61 -3.94 -16.93
C ASP A 222 -7.88 -3.11 -15.68
N ASP A 223 -8.91 -3.46 -14.93
CA ASP A 223 -9.20 -2.74 -13.71
C ASP A 223 -8.36 -3.23 -12.53
N ILE A 224 -8.34 -2.43 -11.48
CA ILE A 224 -7.38 -2.67 -10.42
C ILE A 224 -7.73 -3.94 -9.64
N LEU A 225 -9.00 -4.32 -9.56
CA LEU A 225 -9.33 -5.56 -8.85
C LEU A 225 -8.86 -6.78 -9.61
N THR A 226 -8.94 -6.73 -10.93
CA THR A 226 -8.38 -7.78 -11.76
C THR A 226 -6.87 -7.83 -11.58
N ILE A 227 -6.22 -6.68 -11.60
CA ILE A 227 -4.76 -6.64 -11.41
C ILE A 227 -4.39 -7.19 -10.04
N LEU A 228 -5.12 -6.79 -8.99
CA LEU A 228 -4.79 -7.29 -7.66
C LEU A 228 -5.05 -8.76 -7.50
N THR A 229 -5.99 -9.33 -8.25
CA THR A 229 -6.18 -10.77 -8.30
C THR A 229 -4.94 -11.45 -8.89
N GLU A 230 -4.39 -10.86 -9.96
CA GLU A 230 -3.14 -11.38 -10.52
C GLU A 230 -2.00 -11.30 -9.50
N VAL A 231 -1.91 -10.19 -8.76
CA VAL A 231 -0.90 -10.12 -7.72
C VAL A 231 -1.08 -11.22 -6.69
N ASN A 232 -2.34 -11.48 -6.30
CA ASN A 232 -2.57 -12.60 -5.41
C ASN A 232 -2.07 -13.90 -6.02
N TYR A 233 -2.35 -14.14 -7.29
CA TYR A 233 -1.88 -15.36 -7.96
C TYR A 233 -0.36 -15.45 -7.94
N GLU A 234 0.31 -14.38 -8.32
CA GLU A 234 1.77 -14.43 -8.47
C GLU A 234 2.43 -14.54 -7.12
N VAL A 235 2.03 -13.76 -6.12
CA VAL A 235 2.67 -13.83 -4.82
C VAL A 235 2.41 -15.19 -4.19
N SER A 236 1.26 -15.79 -4.44
CA SER A 236 0.93 -17.10 -3.91
C SER A 236 1.87 -18.21 -4.43
N ASN A 237 2.57 -17.97 -5.52
CA ASN A 237 3.52 -18.94 -6.02
C ASN A 237 4.91 -18.81 -5.47
N LYS A 238 5.22 -17.73 -4.77
CA LYS A 238 6.54 -17.53 -4.18
C LYS A 238 6.66 -18.32 -2.89
N ASP A 239 7.89 -18.62 -2.49
CA ASP A 239 8.05 -19.26 -1.21
C ASP A 239 9.34 -18.90 -0.53
N ASP A 240 9.36 -19.14 0.78
CA ASP A 240 10.50 -18.99 1.67
C ASP A 240 10.88 -20.39 2.07
N LYS A 241 11.98 -20.89 1.50
CA LYS A 241 12.38 -22.28 1.74
C LYS A 241 13.26 -22.43 2.95
N LYS A 242 13.45 -21.38 3.73
CA LYS A 242 14.06 -21.51 5.05
C LYS A 242 13.01 -21.94 6.05
N ASN A 243 11.91 -21.21 6.05
CA ASN A 243 10.84 -21.45 6.99
C ASN A 243 9.66 -22.21 6.43
N MET A 244 9.73 -22.59 5.16
CA MET A 244 8.58 -23.20 4.45
C MET A 244 7.37 -22.27 4.56
N GLY A 245 7.61 -21.02 4.22
CA GLY A 245 6.61 -19.97 4.33
C GLY A 245 6.10 -19.51 2.99
N LYS A 246 4.85 -19.02 3.04
CA LYS A 246 4.15 -18.45 1.92
C LYS A 246 3.73 -17.03 2.26
N GLN A 247 3.07 -16.35 1.33
CA GLN A 247 2.52 -15.01 1.59
C GLN A 247 1.26 -14.88 0.78
N MET A 248 0.20 -14.40 1.45
CA MET A 248 -1.11 -14.25 0.83
C MET A 248 -1.54 -12.78 0.93
N PRO A 249 -1.41 -11.99 -0.14
CA PRO A 249 -1.93 -10.61 -0.09
C PRO A 249 -3.43 -10.60 -0.02
N GLN A 250 -3.99 -9.43 0.27
CA GLN A 250 -5.41 -9.33 0.57
C GLN A 250 -5.92 -7.91 0.33
N PRO A 251 -6.64 -7.68 -0.75
CA PRO A 251 -7.32 -6.40 -0.91
C PRO A 251 -8.63 -6.38 -0.19
N THR A 252 -9.02 -5.17 0.19
CA THR A 252 -10.33 -4.87 0.73
CA THR A 252 -10.34 -4.86 0.74
C THR A 252 -10.81 -3.59 0.07
N PHE A 253 -12.12 -3.47 -0.19
CA PHE A 253 -12.56 -2.30 -0.92
C PHE A 253 -13.97 -1.86 -0.63
N THR A 254 -14.18 -0.53 -0.78
CA THR A 254 -15.52 0.06 -0.79
C THR A 254 -15.74 0.79 -2.10
N LEU A 255 -14.96 0.46 -3.13
CA LEU A 255 -15.16 0.99 -4.46
C LEU A 255 -16.57 0.73 -4.95
N ARG A 256 -17.14 1.70 -5.63
CA ARG A 256 -18.49 1.65 -6.17
C ARG A 256 -18.51 1.61 -7.67
N LYS A 257 -17.36 1.77 -8.30
CA LYS A 257 -17.21 1.76 -9.75
C LYS A 257 -15.96 0.99 -10.08
N LYS A 258 -15.79 0.64 -11.36
CA LYS A 258 -14.54 0.09 -11.83
C LYS A 258 -13.42 1.14 -11.76
N LEU A 259 -12.25 0.71 -11.31
CA LEU A 259 -11.10 1.60 -11.22
C LEU A 259 -10.07 1.15 -12.25
N VAL A 260 -9.80 2.03 -13.20
CA VAL A 260 -8.76 1.83 -14.19
C VAL A 260 -7.80 3.03 -14.13
N PHE A 261 -6.55 2.77 -14.47
CA PHE A 261 -5.52 3.80 -14.58
C PHE A 261 -5.05 3.84 -16.05
N PRO A 262 -5.70 4.64 -16.89
CA PRO A 262 -5.31 4.63 -18.29
C PRO A 262 -3.96 5.28 -18.52
N SER A 263 -3.32 4.96 -19.60
CA SER A 263 -2.03 5.66 -19.82
C SER A 263 -1.71 6.14 -21.23
N ASP B 3 18.51 -11.67 5.00
CA ASP B 3 18.07 -12.12 3.69
C ASP B 3 16.56 -12.18 3.56
#